data_9DXI
#
_entry.id   9DXI
#
_cell.length_a   45.731
_cell.length_b   68.846
_cell.length_c   103.891
_cell.angle_alpha   90.00
_cell.angle_beta   90.00
_cell.angle_gamma   90.00
#
_symmetry.space_group_name_H-M   'P 21 21 21'
#
loop_
_entity.id
_entity.type
_entity.pdbx_description
1 polymer 'Fatty acid-binding protein homolog 3'
2 non-polymer GLYCEROL
3 water water
#
_entity_poly.entity_id   1
_entity_poly.type   'polypeptide(L)'
_entity_poly.pdbx_seq_one_letter_code
;SMAEAASEIPEKFFGKYDLDRSENFDEFLAAKGVSWFVRQMIKLAKVSKVLAKNETPGKYNMENLTSKKNTLYHGWELGK
TFEAEGLDGVAHKITFSFKDGVLSEHHIRLNDPEHSAETYYYTIENDQLVMKMVNNGITCRRWFKRSTGKK
;
_entity_poly.pdbx_strand_id   A,B
#
loop_
_chem_comp.id
_chem_comp.type
_chem_comp.name
_chem_comp.formula
GOL non-polymer GLYCEROL 'C3 H8 O3'
#
# COMPACT_ATOMS: atom_id res chain seq x y z
N GLU A 8 17.75 -16.84 -9.58
CA GLU A 8 18.43 -15.79 -10.34
C GLU A 8 18.78 -14.60 -9.45
N ILE A 9 18.00 -14.37 -8.40
CA ILE A 9 18.36 -13.36 -7.41
C ILE A 9 19.41 -13.95 -6.47
N PRO A 10 20.56 -13.31 -6.30
CA PRO A 10 21.62 -13.87 -5.46
C PRO A 10 21.19 -13.99 -4.00
N GLU A 11 21.90 -14.87 -3.28
CA GLU A 11 21.51 -15.20 -1.91
C GLU A 11 21.70 -14.03 -0.95
N LYS A 12 22.68 -13.16 -1.21
CA LYS A 12 22.96 -12.07 -0.29
C LYS A 12 21.86 -11.00 -0.28
N PHE A 13 20.98 -11.00 -1.28
CA PHE A 13 19.93 -9.99 -1.33
C PHE A 13 18.84 -10.23 -0.28
N PHE A 14 18.63 -11.47 0.13
CA PHE A 14 17.50 -11.79 0.99
C PHE A 14 17.78 -11.39 2.44
N GLY A 15 16.72 -11.01 3.14
CA GLY A 15 16.83 -10.61 4.53
C GLY A 15 15.92 -9.45 4.86
N LYS A 16 16.00 -8.97 6.10
CA LYS A 16 15.27 -7.79 6.54
C LYS A 16 16.25 -6.66 6.80
N TYR A 17 15.90 -5.45 6.36
CA TYR A 17 16.77 -4.29 6.47
C TYR A 17 16.00 -3.10 7.04
N ASP A 18 16.67 -2.32 7.89
CA ASP A 18 16.10 -1.12 8.50
C ASP A 18 16.74 0.13 7.92
N LEU A 19 15.92 1.14 7.65
CA LEU A 19 16.43 2.39 7.07
C LEU A 19 17.46 3.03 7.98
N ASP A 20 18.63 3.36 7.43
CA ASP A 20 19.72 3.93 8.19
C ASP A 20 19.99 5.38 7.82
N ARG A 21 20.23 5.67 6.54
CA ARG A 21 20.53 7.03 6.13
C ARG A 21 20.15 7.22 4.67
N SER A 22 20.12 8.49 4.24
CA SER A 22 19.76 8.86 2.88
C SER A 22 20.66 9.99 2.40
N GLU A 23 20.72 10.15 1.09
CA GLU A 23 21.42 11.27 0.47
C GLU A 23 20.55 11.89 -0.60
N ASN A 24 20.43 13.22 -0.57
CA ASN A 24 19.66 14.00 -1.54
C ASN A 24 18.18 13.69 -1.51
N PHE A 25 17.69 13.15 -0.38
CA PHE A 25 16.28 12.81 -0.26
C PHE A 25 15.41 14.04 -0.10
N ASP A 26 15.97 15.13 0.45
CA ASP A 26 15.20 16.36 0.61
C ASP A 26 14.88 16.99 -0.75
N GLU A 27 15.90 17.18 -1.59
CA GLU A 27 15.67 17.80 -2.89
C GLU A 27 14.88 16.89 -3.81
N PHE A 28 14.97 15.57 -3.59
CA PHE A 28 14.16 14.63 -4.33
C PHE A 28 12.67 14.87 -4.05
N LEU A 29 12.31 14.98 -2.78
CA LEU A 29 10.91 15.25 -2.43
C LEU A 29 10.49 16.64 -2.88
N ALA A 30 11.37 17.64 -2.72
CA ALA A 30 11.06 18.99 -3.17
C ALA A 30 10.81 19.04 -4.67
N ALA A 31 11.53 18.22 -5.45
CA ALA A 31 11.28 18.18 -6.88
C ALA A 31 9.96 17.47 -7.21
N LYS A 32 9.40 16.71 -6.27
CA LYS A 32 8.11 16.07 -6.46
C LYS A 32 6.95 16.91 -5.96
N GLY A 33 7.21 18.12 -5.46
CA GLY A 33 6.17 19.01 -5.01
C GLY A 33 5.82 18.90 -3.53
N VAL A 34 6.53 18.08 -2.77
CA VAL A 34 6.23 17.92 -1.35
C VAL A 34 6.59 19.21 -0.61
N SER A 35 5.70 19.67 0.26
CA SER A 35 5.93 20.90 0.99
C SER A 35 7.07 20.73 1.99
N TRP A 36 7.55 21.87 2.50
CA TRP A 36 8.64 21.85 3.47
C TRP A 36 8.24 21.11 4.74
N PHE A 37 7.05 21.39 5.26
CA PHE A 37 6.61 20.79 6.51
C PHE A 37 6.41 19.29 6.38
N VAL A 38 5.83 18.85 5.26
CA VAL A 38 5.66 17.42 5.02
C VAL A 38 7.01 16.74 4.85
N ARG A 39 7.99 17.46 4.27
CA ARG A 39 9.31 16.87 4.07
C ARG A 39 10.00 16.56 5.38
N GLN A 40 9.74 17.35 6.42
CA GLN A 40 10.44 17.16 7.69
C GLN A 40 10.05 15.85 8.35
N MET A 41 8.76 15.49 8.31
CA MET A 41 8.33 14.26 8.95
C MET A 41 8.55 13.03 8.08
N ILE A 42 8.72 13.21 6.77
CA ILE A 42 8.98 12.07 5.89
C ILE A 42 10.36 11.47 6.21
N LYS A 43 11.38 12.33 6.31
CA LYS A 43 12.72 11.85 6.67
C LYS A 43 12.75 11.26 8.07
N LEU A 44 11.84 11.70 8.94
CA LEU A 44 11.76 11.16 10.30
C LEU A 44 11.21 9.74 10.32
N ALA A 45 10.46 9.34 9.28
CA ALA A 45 9.78 8.05 9.31
C ALA A 45 10.75 6.89 9.26
N LYS A 46 10.53 5.90 10.12
CA LYS A 46 11.28 4.66 10.06
C LYS A 46 10.66 3.76 9.00
N VAL A 47 11.51 3.08 8.24
CA VAL A 47 11.07 2.21 7.15
C VAL A 47 11.94 0.96 7.16
N SER A 48 11.33 -0.20 6.96
CA SER A 48 12.05 -1.45 6.81
C SER A 48 11.63 -2.12 5.52
N LYS A 49 12.51 -2.94 4.97
CA LYS A 49 12.23 -3.70 3.75
C LYS A 49 12.60 -5.15 3.96
N VAL A 50 11.78 -6.05 3.42
CA VAL A 50 12.04 -7.49 3.48
C VAL A 50 12.08 -8.03 2.06
N LEU A 51 13.12 -8.79 1.75
CA LEU A 51 13.22 -9.51 0.50
C LEU A 51 13.33 -11.00 0.82
N ALA A 52 12.47 -11.80 0.22
CA ALA A 52 12.40 -13.22 0.56
C ALA A 52 12.04 -14.03 -0.66
N LYS A 53 12.44 -15.30 -0.64
CA LYS A 53 11.99 -16.25 -1.64
C LYS A 53 10.58 -16.73 -1.30
N ASN A 54 9.75 -16.85 -2.32
CA ASN A 54 8.43 -17.44 -2.13
C ASN A 54 8.55 -18.93 -1.85
N GLU A 55 7.49 -19.51 -1.29
CA GLU A 55 7.46 -20.96 -1.09
C GLU A 55 7.59 -21.71 -2.41
N THR A 56 7.03 -21.15 -3.48
CA THR A 56 7.21 -21.69 -4.81
C THR A 56 8.52 -21.17 -5.41
N PRO A 57 9.49 -22.03 -5.69
CA PRO A 57 10.77 -21.55 -6.25
C PRO A 57 10.55 -20.85 -7.58
N GLY A 58 11.43 -19.87 -7.85
CA GLY A 58 11.27 -19.00 -8.99
C GLY A 58 10.36 -17.82 -8.74
N LYS A 59 9.77 -17.71 -7.56
CA LYS A 59 8.98 -16.54 -7.21
C LYS A 59 9.56 -15.91 -5.95
N TYR A 60 9.20 -14.66 -5.73
CA TYR A 60 9.79 -13.88 -4.66
C TYR A 60 8.74 -13.02 -4.00
N ASN A 61 9.03 -12.60 -2.76
CA ASN A 61 8.22 -11.64 -2.03
C ASN A 61 9.06 -10.43 -1.68
N MET A 62 8.43 -9.25 -1.68
CA MET A 62 9.07 -8.07 -1.14
C MET A 62 8.08 -7.31 -0.29
N GLU A 63 8.51 -6.90 0.90
CA GLU A 63 7.64 -6.23 1.86
C GLU A 63 8.23 -4.88 2.23
N ASN A 64 7.36 -3.90 2.40
CA ASN A 64 7.71 -2.58 2.90
C ASN A 64 6.98 -2.37 4.21
N LEU A 65 7.73 -2.18 5.29
CA LEU A 65 7.19 -2.09 6.64
C LEU A 65 7.37 -0.68 7.19
N THR A 66 6.28 -0.08 7.63
CA THR A 66 6.32 1.18 8.36
C THR A 66 5.67 0.96 9.73
N SER A 67 5.43 2.07 10.44
CA SER A 67 4.97 1.99 11.82
C SER A 67 3.58 1.36 11.92
N LYS A 68 2.67 1.71 11.01
CA LYS A 68 1.33 1.16 11.04
C LYS A 68 0.84 0.62 9.70
N LYS A 69 1.68 0.58 8.67
CA LYS A 69 1.27 0.09 7.36
C LYS A 69 2.36 -0.77 6.76
N ASN A 70 1.99 -1.98 6.34
CA ASN A 70 2.89 -2.89 5.66
C ASN A 70 2.30 -3.25 4.29
N THR A 71 3.15 -3.26 3.27
CA THR A 71 2.75 -3.59 1.91
C THR A 71 3.58 -4.76 1.43
N LEU A 72 2.92 -5.82 0.96
CA LEU A 72 3.59 -7.06 0.57
C LEU A 72 3.27 -7.37 -0.89
N TYR A 73 4.29 -7.37 -1.74
CA TYR A 73 4.18 -7.94 -3.08
C TYR A 73 4.69 -9.37 -3.02
N HIS A 74 3.82 -10.33 -3.32
CA HIS A 74 4.13 -11.74 -3.08
C HIS A 74 3.91 -12.55 -4.35
N GLY A 75 4.76 -13.56 -4.54
CA GLY A 75 4.63 -14.46 -5.67
C GLY A 75 4.93 -13.86 -7.02
N TRP A 76 5.84 -12.91 -7.11
CA TRP A 76 6.20 -12.33 -8.40
C TRP A 76 7.43 -13.01 -8.97
N GLU A 77 7.60 -12.86 -10.29
CA GLU A 77 8.69 -13.46 -11.03
C GLU A 77 9.50 -12.38 -11.74
N LEU A 78 10.79 -12.63 -11.91
CA LEU A 78 11.65 -11.68 -12.61
C LEU A 78 11.23 -11.59 -14.08
N GLY A 79 11.08 -10.36 -14.56
CA GLY A 79 10.73 -10.11 -15.94
C GLY A 79 9.26 -10.22 -16.27
N LYS A 80 8.45 -10.51 -15.27
CA LYS A 80 7.00 -10.71 -15.52
C LYS A 80 6.18 -9.60 -14.87
N THR A 81 5.59 -8.74 -15.69
CA THR A 81 4.80 -7.62 -15.19
C THR A 81 3.54 -8.12 -14.55
N PHE A 82 3.12 -7.47 -13.48
CA PHE A 82 1.88 -7.87 -12.77
C PHE A 82 1.07 -6.63 -12.51
N GLU A 83 -0.20 -6.83 -12.22
CA GLU A 83 -1.11 -5.69 -11.99
C GLU A 83 -1.55 -5.72 -10.54
N ALA A 84 -1.58 -4.56 -9.90
CA ALA A 84 -2.02 -4.50 -8.49
C ALA A 84 -3.19 -3.53 -8.36
N GLU A 85 -4.19 -3.91 -7.58
CA GLU A 85 -5.43 -3.10 -7.48
C GLU A 85 -5.66 -2.64 -6.04
N GLY A 86 -5.74 -1.34 -5.80
CA GLY A 86 -5.97 -0.80 -4.45
C GLY A 86 -7.41 -0.36 -4.26
N LEU A 87 -7.83 -0.16 -3.01
CA LEU A 87 -9.22 0.28 -2.72
C LEU A 87 -9.61 1.44 -3.64
N ASP A 88 -8.80 2.52 -3.64
CA ASP A 88 -9.08 3.70 -4.51
C ASP A 88 -9.41 3.22 -5.93
N GLY A 89 -8.56 2.36 -6.51
CA GLY A 89 -8.75 1.91 -7.89
C GLY A 89 -7.71 2.54 -8.80
N VAL A 90 -6.46 2.63 -8.33
CA VAL A 90 -5.35 3.14 -9.19
C VAL A 90 -4.50 1.93 -9.63
N ALA A 91 -4.78 1.37 -10.81
CA ALA A 91 -4.06 0.17 -11.28
C ALA A 91 -2.55 0.39 -11.17
N HIS A 92 -1.84 -0.58 -10.58
CA HIS A 92 -0.37 -0.46 -10.41
C HIS A 92 0.34 -1.52 -11.26
N LYS A 93 0.96 -1.10 -12.37
CA LYS A 93 1.72 -2.04 -13.23
C LYS A 93 3.15 -2.16 -12.66
N ILE A 94 3.38 -3.15 -11.78
CA ILE A 94 4.73 -3.28 -11.14
C ILE A 94 5.51 -4.41 -11.82
N THR A 95 6.80 -4.18 -12.09
CA THR A 95 7.65 -5.21 -12.73
C THR A 95 8.94 -5.33 -11.95
N PHE A 96 9.41 -6.55 -11.72
CA PHE A 96 10.72 -6.77 -11.03
C PHE A 96 11.68 -7.42 -12.01
N SER A 97 12.91 -6.89 -12.10
CA SER A 97 13.93 -7.46 -13.00
C SER A 97 15.28 -7.48 -12.29
N PHE A 98 16.17 -8.35 -12.73
CA PHE A 98 17.51 -8.40 -12.16
C PHE A 98 18.53 -8.52 -13.28
N LYS A 99 19.64 -7.78 -13.14
CA LYS A 99 20.71 -7.82 -14.12
C LYS A 99 21.90 -7.04 -13.57
N ASP A 100 23.10 -7.61 -13.73
CA ASP A 100 24.36 -6.94 -13.38
C ASP A 100 24.37 -6.50 -11.91
N GLY A 101 23.87 -7.36 -11.02
CA GLY A 101 23.87 -7.07 -9.60
C GLY A 101 22.84 -6.08 -9.14
N VAL A 102 21.92 -5.66 -10.00
CA VAL A 102 20.93 -4.62 -9.69
C VAL A 102 19.54 -5.22 -9.81
N LEU A 103 18.74 -5.08 -8.76
CA LEU A 103 17.33 -5.44 -8.77
C LEU A 103 16.49 -4.19 -9.06
N SER A 104 15.76 -4.20 -10.15
CA SER A 104 14.97 -3.05 -10.58
C SER A 104 13.50 -3.31 -10.30
N GLU A 105 12.83 -2.33 -9.69
CA GLU A 105 11.38 -2.41 -9.41
C GLU A 105 10.71 -1.28 -10.18
N HIS A 106 10.00 -1.61 -11.25
CA HIS A 106 9.37 -0.59 -12.13
C HIS A 106 7.88 -0.51 -11.84
N HIS A 107 7.41 0.69 -11.54
CA HIS A 107 5.99 0.89 -11.22
C HIS A 107 5.38 1.80 -12.28
N ILE A 108 4.12 1.55 -12.64
CA ILE A 108 3.40 2.42 -13.62
C ILE A 108 1.94 2.51 -13.17
N ARG A 109 1.41 3.72 -13.03
CA ARG A 109 -0.04 3.86 -12.71
C ARG A 109 -0.78 3.94 -14.06
N LEU A 110 -1.78 3.08 -14.28
CA LEU A 110 -2.46 3.05 -15.59
C LEU A 110 -3.67 3.99 -15.58
N SER A 116 3.29 7.66 -14.78
CA SER A 116 4.02 7.90 -13.53
C SER A 116 5.09 6.84 -13.32
N ALA A 117 6.03 6.78 -14.26
CA ALA A 117 7.09 5.78 -14.18
C ALA A 117 7.98 6.06 -12.98
N GLU A 118 8.05 5.10 -12.06
CA GLU A 118 8.97 5.13 -10.93
C GLU A 118 9.76 3.84 -10.94
N THR A 119 11.08 3.95 -10.89
CA THR A 119 11.95 2.78 -10.88
C THR A 119 12.89 2.86 -9.69
N TYR A 120 12.90 1.79 -8.89
CA TYR A 120 13.77 1.68 -7.73
C TYR A 120 14.86 0.66 -8.05
N TYR A 121 16.11 1.03 -7.79
CA TYR A 121 17.26 0.17 -8.07
C TYR A 121 17.89 -0.24 -6.74
N TYR A 122 17.94 -1.55 -6.48
CA TYR A 122 18.48 -2.09 -5.25
C TYR A 122 19.80 -2.80 -5.51
N THR A 123 20.79 -2.54 -4.67
CA THR A 123 22.05 -3.25 -4.69
C THR A 123 22.42 -3.61 -3.25
N ILE A 124 23.34 -4.56 -3.11
CA ILE A 124 23.93 -4.93 -1.83
C ILE A 124 25.34 -4.37 -1.82
N GLU A 125 25.59 -3.39 -0.95
CA GLU A 125 26.87 -2.70 -0.87
C GLU A 125 27.32 -2.70 0.58
N ASN A 126 28.46 -3.33 0.86
CA ASN A 126 29.00 -3.43 2.22
C ASN A 126 27.98 -4.06 3.16
N ASP A 127 27.29 -5.10 2.67
CA ASP A 127 26.27 -5.84 3.39
C ASP A 127 25.08 -4.98 3.81
N GLN A 128 24.83 -3.87 3.10
CA GLN A 128 23.65 -3.06 3.30
C GLN A 128 22.81 -3.05 2.03
N LEU A 129 21.51 -2.88 2.19
CA LEU A 129 20.63 -2.72 1.04
C LEU A 129 20.61 -1.25 0.63
N VAL A 130 20.86 -0.99 -0.64
CA VAL A 130 21.00 0.37 -1.14
C VAL A 130 19.95 0.58 -2.23
N MET A 131 19.10 1.59 -2.02
CA MET A 131 18.02 1.92 -2.95
C MET A 131 18.34 3.24 -3.65
N LYS A 132 18.34 3.22 -4.98
CA LYS A 132 18.56 4.41 -5.77
C LYS A 132 17.27 4.79 -6.50
N MET A 133 16.98 6.08 -6.52
CA MET A 133 15.82 6.63 -7.22
C MET A 133 16.25 7.80 -8.06
N VAL A 134 15.71 7.90 -9.28
CA VAL A 134 15.99 9.02 -10.18
C VAL A 134 14.65 9.56 -10.66
N ASN A 135 14.34 10.80 -10.29
CA ASN A 135 13.10 11.43 -10.71
C ASN A 135 13.28 12.93 -10.77
N ASN A 136 12.76 13.54 -11.85
CA ASN A 136 12.83 14.98 -12.08
C ASN A 136 14.28 15.47 -12.08
N GLY A 137 15.21 14.62 -12.49
CA GLY A 137 16.61 15.00 -12.58
C GLY A 137 17.39 14.87 -11.30
N ILE A 138 16.78 14.42 -10.20
CA ILE A 138 17.46 14.30 -8.92
C ILE A 138 17.66 12.82 -8.61
N THR A 139 18.90 12.42 -8.38
CA THR A 139 19.25 11.09 -7.95
C THR A 139 19.37 11.07 -6.44
N CYS A 140 18.71 10.12 -5.80
CA CYS A 140 18.71 9.98 -4.36
CA CYS A 140 18.80 9.99 -4.37
C CYS A 140 19.03 8.53 -4.00
N ARG A 141 19.69 8.34 -2.86
CA ARG A 141 20.10 7.02 -2.42
C ARG A 141 19.66 6.84 -0.98
N ARG A 142 19.28 5.62 -0.63
CA ARG A 142 18.87 5.31 0.74
C ARG A 142 19.51 3.99 1.14
N TRP A 143 20.05 3.97 2.36
CA TRP A 143 20.77 2.82 2.87
C TRP A 143 19.94 2.13 3.94
N PHE A 144 19.89 0.80 3.86
CA PHE A 144 19.16 -0.01 4.82
C PHE A 144 20.12 -1.01 5.41
N LYS A 145 20.33 -0.95 6.72
CA LYS A 145 21.23 -1.88 7.38
C LYS A 145 20.49 -3.16 7.73
N ARG A 146 21.20 -4.29 7.58
CA ARG A 146 20.62 -5.58 7.88
C ARG A 146 20.13 -5.62 9.33
N SER A 147 18.88 -6.06 9.51
CA SER A 147 18.24 -6.04 10.82
C SER A 147 18.94 -6.99 11.78
N THR A 148 19.26 -6.49 12.98
CA THR A 148 19.97 -7.29 13.97
C THR A 148 18.99 -8.14 14.77
N GLY A 149 19.49 -9.28 15.25
CA GLY A 149 18.68 -10.20 16.02
C GLY A 149 18.42 -11.50 15.28
N ALA B 6 -15.11 -6.39 26.49
CA ALA B 6 -15.64 -6.31 25.14
C ALA B 6 -14.77 -5.41 24.25
N SER B 7 -15.34 -4.94 23.15
CA SER B 7 -14.63 -4.11 22.19
C SER B 7 -15.57 -3.02 21.68
N GLU B 8 -14.99 -1.87 21.34
CA GLU B 8 -15.79 -0.78 20.79
C GLU B 8 -16.45 -1.20 19.48
N ILE B 9 -15.67 -1.79 18.58
CA ILE B 9 -16.21 -2.32 17.33
C ILE B 9 -16.94 -3.64 17.64
N PRO B 10 -18.20 -3.78 17.25
CA PRO B 10 -18.95 -5.00 17.56
C PRO B 10 -18.27 -6.25 17.02
N GLU B 11 -18.57 -7.39 17.67
CA GLU B 11 -17.91 -8.64 17.32
C GLU B 11 -18.23 -9.08 15.91
N LYS B 12 -19.41 -8.72 15.39
CA LYS B 12 -19.83 -9.17 14.07
C LYS B 12 -18.95 -8.58 12.96
N PHE B 13 -18.25 -7.49 13.24
CA PHE B 13 -17.42 -6.86 12.22
C PHE B 13 -16.17 -7.69 11.90
N PHE B 14 -15.69 -8.47 12.86
CA PHE B 14 -14.39 -9.11 12.71
C PHE B 14 -14.49 -10.36 11.85
N GLY B 15 -13.43 -10.61 11.09
CA GLY B 15 -13.37 -11.80 10.25
C GLY B 15 -12.75 -11.54 8.90
N LYS B 16 -12.77 -12.55 8.04
CA LYS B 16 -12.28 -12.45 6.67
C LYS B 16 -13.46 -12.49 5.72
N TYR B 17 -13.44 -11.61 4.72
CA TYR B 17 -14.56 -11.47 3.80
C TYR B 17 -14.04 -11.46 2.37
N ASP B 18 -14.80 -12.05 1.46
CA ASP B 18 -14.42 -12.18 0.06
C ASP B 18 -15.37 -11.36 -0.81
N LEU B 19 -14.80 -10.52 -1.68
CA LEU B 19 -15.60 -9.71 -2.60
C LEU B 19 -16.61 -10.57 -3.35
N ASP B 20 -17.88 -10.18 -3.27
CA ASP B 20 -18.98 -10.92 -3.85
C ASP B 20 -19.64 -10.19 -5.02
N ARG B 21 -20.03 -8.93 -4.85
CA ARG B 21 -20.66 -8.20 -5.94
C ARG B 21 -20.52 -6.70 -5.68
N SER B 22 -20.89 -5.91 -6.68
CA SER B 22 -20.75 -4.46 -6.62
C SER B 22 -21.90 -3.80 -7.36
N GLU B 23 -22.21 -2.55 -6.98
CA GLU B 23 -23.20 -1.73 -7.66
C GLU B 23 -22.59 -0.37 -7.96
N ASN B 24 -22.69 0.06 -9.23
CA ASN B 24 -22.25 1.37 -9.67
C ASN B 24 -20.74 1.54 -9.60
N PHE B 25 -19.99 0.44 -9.64
CA PHE B 25 -18.54 0.52 -9.48
C PHE B 25 -17.84 0.94 -10.77
N ASP B 26 -18.27 0.39 -11.91
CA ASP B 26 -17.73 0.81 -13.19
C ASP B 26 -17.93 2.30 -13.41
N GLU B 27 -19.11 2.79 -13.05
CA GLU B 27 -19.46 4.20 -13.17
C GLU B 27 -18.64 5.04 -12.19
N PHE B 28 -18.33 4.45 -11.03
CA PHE B 28 -17.45 5.11 -10.07
C PHE B 28 -16.03 5.23 -10.62
N LEU B 29 -15.56 4.21 -11.31
CA LEU B 29 -14.22 4.26 -11.90
C LEU B 29 -14.17 5.21 -13.08
N ALA B 30 -15.23 5.22 -13.89
CA ALA B 30 -15.27 6.09 -15.07
C ALA B 30 -15.20 7.56 -14.68
N ALA B 31 -15.88 7.94 -13.59
CA ALA B 31 -15.80 9.31 -13.11
C ALA B 31 -14.45 9.66 -12.52
N LYS B 32 -13.59 8.66 -12.28
CA LYS B 32 -12.22 8.90 -11.84
C LYS B 32 -11.24 9.03 -13.01
N GLY B 33 -11.71 8.92 -14.25
CA GLY B 33 -10.84 8.99 -15.40
C GLY B 33 -10.20 7.67 -15.81
N VAL B 34 -10.66 6.55 -15.28
CA VAL B 34 -10.08 5.25 -15.58
C VAL B 34 -10.59 4.78 -16.94
N SER B 35 -9.68 4.31 -17.79
CA SER B 35 -10.05 3.92 -19.14
C SER B 35 -10.76 2.57 -19.14
N TRP B 36 -11.50 2.32 -20.23
CA TRP B 36 -12.30 1.09 -20.31
C TRP B 36 -11.44 -0.15 -20.13
N PHE B 37 -10.25 -0.18 -20.71
CA PHE B 37 -9.38 -1.34 -20.59
C PHE B 37 -9.03 -1.61 -19.13
N VAL B 38 -8.71 -0.55 -18.38
CA VAL B 38 -8.32 -0.73 -16.99
C VAL B 38 -9.54 -1.00 -16.12
N ARG B 39 -10.69 -0.39 -16.44
CA ARG B 39 -11.91 -0.73 -15.71
C ARG B 39 -12.22 -2.23 -15.83
N GLN B 40 -11.94 -2.82 -16.99
CA GLN B 40 -12.26 -4.24 -17.18
C GLN B 40 -11.41 -5.12 -16.29
N MET B 41 -10.14 -4.75 -16.10
CA MET B 41 -9.24 -5.60 -15.29
C MET B 41 -9.55 -5.39 -13.80
N ILE B 42 -9.90 -4.17 -13.42
CA ILE B 42 -10.17 -3.91 -12.01
C ILE B 42 -11.42 -4.66 -11.56
N LYS B 43 -12.48 -4.64 -12.37
CA LYS B 43 -13.72 -5.31 -12.02
C LYS B 43 -13.57 -6.82 -11.94
N LEU B 44 -12.52 -7.37 -12.54
CA LEU B 44 -12.27 -8.80 -12.51
C LEU B 44 -11.40 -9.22 -11.32
N ALA B 45 -10.63 -8.30 -10.76
CA ALA B 45 -9.73 -8.63 -9.67
C ALA B 45 -10.49 -9.10 -8.43
N LYS B 46 -9.99 -10.17 -7.82
CA LYS B 46 -10.58 -10.71 -6.59
C LYS B 46 -9.84 -10.13 -5.39
N VAL B 47 -10.60 -9.68 -4.40
CA VAL B 47 -10.02 -9.08 -3.20
C VAL B 47 -10.72 -9.62 -1.97
N SER B 48 -9.95 -9.85 -0.91
CA SER B 48 -10.49 -10.18 0.40
C SER B 48 -10.10 -9.12 1.40
N LYS B 49 -10.93 -8.91 2.40
CA LYS B 49 -10.68 -7.96 3.48
C LYS B 49 -10.69 -8.70 4.80
N VAL B 50 -9.80 -8.27 5.70
CA VAL B 50 -9.72 -8.84 7.04
C VAL B 50 -9.80 -7.70 8.05
N LEU B 51 -10.65 -7.87 9.05
CA LEU B 51 -10.69 -6.99 10.21
C LEU B 51 -10.45 -7.84 11.44
N ALA B 52 -9.47 -7.45 12.26
CA ALA B 52 -9.10 -8.23 13.42
C ALA B 52 -8.69 -7.29 14.54
N LYS B 53 -8.66 -7.84 15.75
CA LYS B 53 -8.20 -7.08 16.90
C LYS B 53 -6.69 -7.27 17.04
N ASN B 54 -5.98 -6.16 17.28
CA ASN B 54 -4.55 -6.21 17.49
C ASN B 54 -4.24 -7.03 18.74
N GLU B 55 -2.98 -7.48 18.83
CA GLU B 55 -2.56 -8.24 20.00
C GLU B 55 -2.72 -7.42 21.28
N THR B 56 -2.55 -6.10 21.21
CA THR B 56 -2.76 -5.27 22.38
C THR B 56 -4.17 -4.70 22.38
N PRO B 57 -4.83 -4.68 23.54
CA PRO B 57 -6.20 -4.16 23.59
C PRO B 57 -6.27 -2.70 23.17
N GLY B 58 -7.37 -2.33 22.53
CA GLY B 58 -7.60 -0.97 22.10
C GLY B 58 -7.14 -0.66 20.69
N LYS B 59 -6.50 -1.60 20.00
CA LYS B 59 -6.02 -1.39 18.65
C LYS B 59 -6.56 -2.48 17.74
N TYR B 60 -6.61 -2.19 16.44
CA TYR B 60 -7.17 -3.11 15.48
C TYR B 60 -6.29 -3.18 14.24
N ASN B 61 -6.49 -4.24 13.46
CA ASN B 61 -5.80 -4.46 12.20
C ASN B 61 -6.82 -4.56 11.08
N MET B 62 -6.49 -3.99 9.93
CA MET B 62 -7.27 -4.19 8.72
C MET B 62 -6.33 -4.58 7.59
N GLU B 63 -6.68 -5.62 6.84
CA GLU B 63 -5.86 -6.15 5.77
C GLU B 63 -6.65 -6.18 4.47
N ASN B 64 -5.95 -5.89 3.36
CA ASN B 64 -6.52 -6.00 2.01
C ASN B 64 -5.68 -7.07 1.29
N LEU B 65 -6.29 -8.15 0.81
CA LEU B 65 -5.61 -9.27 0.19
C LEU B 65 -6.00 -9.38 -1.27
N THR B 66 -5.00 -9.42 -2.15
CA THR B 66 -5.19 -9.72 -3.57
C THR B 66 -4.17 -10.77 -4.00
N SER B 67 -4.19 -11.10 -5.29
CA SER B 67 -3.34 -12.19 -5.79
C SER B 67 -1.86 -11.84 -5.71
N LYS B 68 -1.50 -10.56 -5.78
CA LYS B 68 -0.09 -10.16 -5.82
C LYS B 68 0.29 -9.10 -4.81
N LYS B 69 -0.66 -8.40 -4.19
CA LYS B 69 -0.35 -7.29 -3.30
C LYS B 69 -1.26 -7.36 -2.07
N ASN B 70 -0.66 -7.47 -0.90
CA ASN B 70 -1.38 -7.37 0.37
C ASN B 70 -0.98 -6.07 1.06
N THR B 71 -1.99 -5.37 1.60
CA THR B 71 -1.78 -4.16 2.38
C THR B 71 -2.36 -4.38 3.77
N LEU B 72 -1.60 -4.01 4.79
CA LEU B 72 -1.95 -4.31 6.17
C LEU B 72 -1.78 -3.06 7.03
N TYR B 73 -2.88 -2.54 7.55
CA TYR B 73 -2.86 -1.44 8.51
C TYR B 73 -3.03 -2.04 9.91
N HIS B 74 -2.00 -1.93 10.73
CA HIS B 74 -1.97 -2.59 12.03
C HIS B 74 -1.72 -1.60 13.16
N GLY B 75 -2.24 -1.94 14.33
CA GLY B 75 -2.02 -1.16 15.54
C GLY B 75 -2.60 0.24 15.51
N TRP B 76 -3.74 0.43 14.85
CA TRP B 76 -4.39 1.72 14.81
C TRP B 76 -5.54 1.78 15.80
N GLU B 77 -5.87 2.99 16.25
CA GLU B 77 -6.94 3.24 17.20
C GLU B 77 -7.99 4.12 16.55
N LEU B 78 -9.24 3.99 17.03
CA LEU B 78 -10.32 4.80 16.49
C LEU B 78 -10.11 6.27 16.85
N GLY B 79 -10.44 7.13 15.90
CA GLY B 79 -10.29 8.57 16.05
C GLY B 79 -8.88 9.09 15.97
N LYS B 80 -7.87 8.23 16.04
CA LYS B 80 -6.48 8.64 16.12
C LYS B 80 -5.85 8.58 14.73
N THR B 81 -5.65 9.74 14.11
CA THR B 81 -4.98 9.81 12.82
C THR B 81 -3.53 9.37 12.95
N PHE B 82 -3.05 8.65 11.93
CA PHE B 82 -1.66 8.22 11.87
C PHE B 82 -1.13 8.47 10.47
N GLU B 83 0.18 8.35 10.32
CA GLU B 83 0.85 8.64 9.07
C GLU B 83 1.62 7.42 8.60
N ALA B 84 1.65 7.21 7.28
CA ALA B 84 2.40 6.12 6.68
C ALA B 84 3.04 6.63 5.40
N GLU B 85 4.25 6.14 5.13
CA GLU B 85 5.04 6.59 3.99
C GLU B 85 5.14 5.46 2.96
N GLY B 86 5.01 5.83 1.69
CA GLY B 86 5.05 4.87 0.60
C GLY B 86 6.46 4.60 0.12
N LEU B 87 6.55 3.99 -1.06
CA LEU B 87 7.84 3.58 -1.59
C LEU B 87 8.70 4.77 -1.98
N ASP B 88 8.11 5.73 -2.68
CA ASP B 88 8.82 6.93 -3.12
C ASP B 88 8.97 7.99 -2.03
N GLY B 89 8.53 7.70 -0.81
CA GLY B 89 8.60 8.62 0.29
C GLY B 89 7.31 9.34 0.62
N VAL B 90 6.41 9.49 -0.35
CA VAL B 90 5.15 10.22 -0.20
C VAL B 90 4.41 9.72 1.03
N ALA B 91 3.69 10.61 1.71
CA ALA B 91 3.09 10.29 2.99
C ALA B 91 1.58 10.47 2.93
N HIS B 92 0.86 9.62 3.66
CA HIS B 92 -0.60 9.66 3.74
C HIS B 92 -1.01 9.71 5.20
N LYS B 93 -2.08 10.44 5.49
CA LYS B 93 -2.69 10.46 6.81
C LYS B 93 -3.97 9.66 6.78
N ILE B 94 -4.08 8.66 7.65
CA ILE B 94 -5.19 7.72 7.65
C ILE B 94 -5.84 7.73 9.03
N THR B 95 -7.18 7.72 9.03
CA THR B 95 -7.97 7.78 10.25
C THR B 95 -9.11 6.78 10.16
N PHE B 96 -9.25 5.95 11.20
CA PHE B 96 -10.39 5.04 11.34
C PHE B 96 -11.30 5.56 12.44
N SER B 97 -12.61 5.51 12.19
CA SER B 97 -13.60 6.01 13.14
C SER B 97 -14.82 5.10 13.13
N PHE B 98 -15.46 4.94 14.28
CA PHE B 98 -16.65 4.11 14.38
C PHE B 98 -17.74 4.85 15.13
N LYS B 99 -18.94 4.89 14.55
CA LYS B 99 -20.09 5.48 15.20
C LYS B 99 -21.35 5.00 14.50
N ASP B 100 -22.33 4.56 15.29
CA ASP B 100 -23.65 4.20 14.78
C ASP B 100 -23.55 3.09 13.73
N GLY B 101 -22.80 2.06 14.06
CA GLY B 101 -22.66 0.90 13.20
C GLY B 101 -21.87 1.10 11.93
N VAL B 102 -21.17 2.23 11.78
CA VAL B 102 -20.40 2.52 10.57
C VAL B 102 -18.94 2.70 10.96
N LEU B 103 -18.08 1.84 10.42
CA LEU B 103 -16.65 2.05 10.49
C LEU B 103 -16.20 2.83 9.26
N SER B 104 -15.52 3.94 9.49
CA SER B 104 -15.06 4.82 8.42
C SER B 104 -13.54 4.77 8.32
N GLU B 105 -13.04 4.82 7.09
CA GLU B 105 -11.61 4.78 6.80
C GLU B 105 -11.30 5.99 5.93
N HIS B 106 -10.57 6.96 6.49
CA HIS B 106 -10.31 8.22 5.80
C HIS B 106 -8.83 8.28 5.42
N HIS B 107 -8.55 8.43 4.13
CA HIS B 107 -7.21 8.60 3.62
C HIS B 107 -7.07 10.00 3.03
N ILE B 108 -5.85 10.53 3.10
CA ILE B 108 -5.54 11.81 2.45
C ILE B 108 -4.05 11.83 2.13
N ARG B 109 -3.72 12.27 0.92
CA ARG B 109 -2.33 12.40 0.47
C ARG B 109 -1.85 13.81 0.78
N LEU B 110 -0.75 13.91 1.54
CA LEU B 110 -0.23 15.24 1.95
C LEU B 110 0.36 15.97 0.72
N ASN B 111 1.17 15.27 -0.07
CA ASN B 111 1.81 15.90 -1.27
C ASN B 111 0.71 16.38 -2.22
N ASP B 112 -0.34 15.57 -2.42
CA ASP B 112 -1.45 15.94 -3.33
C ASP B 112 -2.40 16.91 -2.63
N PRO B 113 -3.14 17.80 -3.32
CA PRO B 113 -4.15 18.69 -2.67
C PRO B 113 -5.23 17.87 -1.95
N GLU B 114 -6.18 18.56 -1.31
CA GLU B 114 -7.24 17.88 -0.52
C GLU B 114 -8.12 17.00 -1.42
N HIS B 115 -8.00 17.13 -2.75
CA HIS B 115 -8.88 16.36 -3.67
C HIS B 115 -8.65 14.86 -3.48
N SER B 116 -7.57 14.49 -2.79
CA SER B 116 -7.27 13.05 -2.54
C SER B 116 -8.01 12.57 -1.29
N ALA B 117 -9.05 13.29 -0.87
CA ALA B 117 -9.83 12.91 0.34
C ALA B 117 -10.70 11.69 0.04
N GLU B 118 -10.23 10.50 0.40
CA GLU B 118 -11.00 9.28 0.17
C GLU B 118 -11.55 8.79 1.51
N THR B 119 -12.80 8.34 1.48
CA THR B 119 -13.45 7.81 2.68
C THR B 119 -14.19 6.54 2.31
N TYR B 120 -13.93 5.46 3.03
CA TYR B 120 -14.59 4.18 2.86
C TYR B 120 -15.47 3.91 4.08
N TYR B 121 -16.71 3.52 3.84
CA TYR B 121 -17.68 3.28 4.92
C TYR B 121 -18.04 1.80 4.95
N TYR B 122 -17.80 1.15 6.09
CA TYR B 122 -18.01 -0.28 6.26
C TYR B 122 -19.16 -0.52 7.22
N THR B 123 -20.15 -1.31 6.78
CA THR B 123 -21.23 -1.76 7.64
C THR B 123 -21.40 -3.26 7.51
N ILE B 124 -21.95 -3.88 8.55
CA ILE B 124 -22.33 -5.28 8.51
C ILE B 124 -23.83 -5.33 8.22
N GLU B 125 -24.19 -5.93 7.09
CA GLU B 125 -25.57 -5.98 6.62
C GLU B 125 -25.87 -7.41 6.19
N ASN B 126 -26.82 -8.05 6.88
CA ASN B 126 -27.21 -9.43 6.57
C ASN B 126 -26.01 -10.37 6.64
N ASP B 127 -25.13 -10.12 7.61
CA ASP B 127 -23.91 -10.89 7.86
C ASP B 127 -22.88 -10.75 6.74
N GLN B 128 -22.98 -9.70 5.92
CA GLN B 128 -21.99 -9.41 4.90
C GLN B 128 -21.33 -8.07 5.19
N LEU B 129 -20.07 -7.93 4.78
CA LEU B 129 -19.37 -6.66 4.91
C LEU B 129 -19.70 -5.80 3.70
N VAL B 130 -20.29 -4.63 3.93
CA VAL B 130 -20.67 -3.74 2.85
C VAL B 130 -19.77 -2.51 2.90
N MET B 131 -19.20 -2.15 1.75
CA MET B 131 -18.31 -1.01 1.63
C MET B 131 -18.97 0.02 0.72
N LYS B 132 -19.09 1.25 1.22
CA LYS B 132 -19.66 2.36 0.47
C LYS B 132 -18.55 3.34 0.16
N MET B 133 -18.49 3.79 -1.10
CA MET B 133 -17.55 4.81 -1.52
C MET B 133 -18.31 5.92 -2.23
N VAL B 134 -17.91 7.17 -1.96
CA VAL B 134 -18.47 8.33 -2.63
C VAL B 134 -17.31 9.17 -3.16
N ASN B 135 -17.39 9.56 -4.43
CA ASN B 135 -16.34 10.34 -5.05
C ASN B 135 -16.85 10.87 -6.38
N ASN B 136 -16.56 12.14 -6.67
CA ASN B 136 -17.06 12.80 -7.87
C ASN B 136 -18.58 12.73 -7.98
N GLY B 137 -19.27 12.76 -6.84
CA GLY B 137 -20.71 12.67 -6.87
C GLY B 137 -21.28 11.30 -7.18
N ILE B 138 -20.44 10.27 -7.28
CA ILE B 138 -20.89 8.91 -7.56
C ILE B 138 -20.81 8.08 -6.28
N THR B 139 -21.90 7.39 -5.96
CA THR B 139 -21.96 6.46 -4.84
C THR B 139 -21.95 5.03 -5.39
N CYS B 140 -21.05 4.21 -4.88
N CYS B 140 -21.06 4.20 -4.86
CA CYS B 140 -21.02 2.80 -5.25
CA CYS B 140 -20.94 2.80 -5.25
C CYS B 140 -20.89 1.95 -4.00
C CYS B 140 -20.83 1.92 -4.02
N ARG B 141 -21.36 0.71 -4.11
CA ARG B 141 -21.29 -0.25 -3.02
C ARG B 141 -20.66 -1.55 -3.48
N ARG B 142 -19.85 -2.15 -2.61
CA ARG B 142 -19.29 -3.48 -2.86
C ARG B 142 -19.59 -4.37 -1.68
N TRP B 143 -20.06 -5.59 -1.96
CA TRP B 143 -20.43 -6.56 -0.94
C TRP B 143 -19.34 -7.62 -0.82
N PHE B 144 -19.00 -7.96 0.43
CA PHE B 144 -18.00 -8.99 0.72
C PHE B 144 -18.67 -10.05 1.58
N LYS B 145 -18.63 -11.30 1.13
CA LYS B 145 -19.25 -12.37 1.89
C LYS B 145 -18.25 -12.97 2.87
N ARG B 146 -18.75 -13.31 4.06
CA ARG B 146 -17.89 -13.88 5.09
C ARG B 146 -17.27 -15.18 4.61
N SER B 147 -16.00 -15.39 4.97
CA SER B 147 -15.30 -16.63 4.66
C SER B 147 -15.57 -17.69 5.72
C1 GOL C . 2.10 -18.84 -3.43
O1 GOL C . 2.80 -19.91 -4.01
C2 GOL C . 1.73 -17.86 -4.52
O2 GOL C . 0.83 -18.49 -5.41
C3 GOL C . 1.10 -16.60 -3.93
O3 GOL C . 2.04 -15.97 -3.08
#